data_3GU3
#
_entry.id   3GU3
#
_cell.length_a   90.793
_cell.length_b   90.793
_cell.length_c   122.627
_cell.angle_alpha   90.000
_cell.angle_beta   90.000
_cell.angle_gamma   120.000
#
_symmetry.space_group_name_H-M   'P 32'
#
loop_
_entity.id
_entity.type
_entity.pdbx_description
1 polymer Methyltransferase
2 non-polymer 'ACETATE ION'
3 non-polymer S-ADENOSYL-L-HOMOCYSTEINE
4 water water
#
_entity_poly.entity_id   1
_entity_poly.type   'polypeptide(L)'
_entity_poly.pdbx_seq_one_letter_code
;RDLYYNDDYVSFLVNTVWKITKPVHIVDYGCGYGYLGLVL(MSE)PLLPEGSKYTGIDSGETLLAEARELFRLLPYDSEF
LEGDATEIELNDKYDIAICHAFLLH(MSE)TTPET(MSE)LQK(MSE)IHSVKKGGKIICFEPHWISN(MSE)ASYLLDG
EKQSEFIQLGVLQKLFESDTQRNGKDGNIG(MSE)KIPIYLSELGVKNIECRVSDKVNFLDSN(MSE)HHNDKNDLYQSL
KEEGIAGDPGDKQQFVERLIARGLTYDNALAQYEAELRFFKALHLHSSLVYAPN(MSE)KITFGEIECLEHHHHHH
;
_entity_poly.pdbx_strand_id   A,B
#
loop_
_chem_comp.id
_chem_comp.type
_chem_comp.name
_chem_comp.formula
ACT non-polymer 'ACETATE ION' 'C2 H3 O2 -1'
SAH non-polymer S-ADENOSYL-L-HOMOCYSTEINE 'C14 H20 N6 O5 S'
#
# COMPACT_ATOMS: atom_id res chain seq x y z
N ARG A 1 -15.40 -2.64 5.79
CA ARG A 1 -15.27 -1.15 5.83
C ARG A 1 -14.05 -0.79 6.66
N ASP A 2 -14.16 -0.98 7.98
CA ASP A 2 -13.07 -0.67 8.89
C ASP A 2 -11.86 -1.58 8.72
N LEU A 3 -11.94 -2.55 7.82
CA LEU A 3 -10.82 -3.45 7.60
C LEU A 3 -10.00 -2.98 6.37
N TYR A 4 -10.59 -2.16 5.53
CA TYR A 4 -9.91 -1.69 4.32
C TYR A 4 -9.56 -0.20 4.28
N TYR A 5 -10.29 0.61 5.04
CA TYR A 5 -10.04 2.05 5.05
C TYR A 5 -10.10 2.65 6.45
N ASN A 6 -9.25 3.65 6.68
CA ASN A 6 -9.26 4.36 7.94
C ASN A 6 -10.25 5.50 7.75
N ASP A 7 -11.10 5.76 8.75
CA ASP A 7 -12.07 6.84 8.67
C ASP A 7 -11.39 8.18 8.38
N ASP A 8 -10.34 8.50 9.12
CA ASP A 8 -9.66 9.76 8.92
C ASP A 8 -9.03 9.90 7.54
N TYR A 9 -8.55 8.80 6.96
CA TYR A 9 -7.96 8.84 5.63
C TYR A 9 -9.01 9.10 4.56
N VAL A 10 -10.21 8.51 4.69
CA VAL A 10 -11.25 8.74 3.69
C VAL A 10 -11.68 10.21 3.74
N SER A 11 -11.73 10.77 4.95
CA SER A 11 -12.11 12.17 5.12
C SER A 11 -11.03 13.05 4.49
N PHE A 12 -9.78 12.59 4.58
CA PHE A 12 -8.65 13.30 4.00
C PHE A 12 -8.83 13.40 2.49
N LEU A 13 -9.22 12.29 1.87
CA LEU A 13 -9.43 12.27 0.44
C LEU A 13 -10.57 13.20 0.05
N VAL A 14 -11.67 13.15 0.79
CA VAL A 14 -12.82 13.98 0.49
C VAL A 14 -12.59 15.46 0.66
N ASN A 15 -12.02 15.85 1.80
CA ASN A 15 -11.80 17.26 2.09
C ASN A 15 -10.50 17.90 1.63
N THR A 16 -9.42 17.13 1.64
CA THR A 16 -8.13 17.68 1.27
C THR A 16 -7.66 17.37 -0.14
N VAL A 17 -7.78 16.11 -0.56
CA VAL A 17 -7.34 15.75 -1.89
C VAL A 17 -8.34 16.13 -2.96
N TRP A 18 -9.58 15.67 -2.80
CA TRP A 18 -10.64 15.98 -3.75
C TRP A 18 -11.28 17.33 -3.47
N LYS A 19 -11.11 17.82 -2.24
CA LYS A 19 -11.66 19.11 -1.84
C LYS A 19 -13.11 19.29 -2.23
N ILE A 20 -13.96 18.37 -1.80
CA ILE A 20 -15.38 18.46 -2.12
C ILE A 20 -16.03 19.35 -1.06
N THR A 21 -16.52 20.51 -1.48
CA THR A 21 -17.17 21.45 -0.57
C THR A 21 -18.65 21.65 -0.86
N LYS A 22 -19.02 21.62 -2.13
CA LYS A 22 -20.42 21.78 -2.54
C LYS A 22 -21.09 20.40 -2.58
N PRO A 23 -22.39 20.33 -2.27
CA PRO A 23 -23.09 19.04 -2.29
C PRO A 23 -22.97 18.40 -3.68
N VAL A 24 -22.77 17.10 -3.74
CA VAL A 24 -22.60 16.43 -5.03
C VAL A 24 -23.62 15.35 -5.34
N HIS A 25 -23.86 15.14 -6.63
CA HIS A 25 -24.79 14.12 -7.12
C HIS A 25 -23.93 12.96 -7.57
N ILE A 26 -23.83 11.90 -6.77
CA ILE A 26 -22.99 10.78 -7.15
C ILE A 26 -23.72 9.49 -7.51
N VAL A 27 -23.19 8.78 -8.48
CA VAL A 27 -23.77 7.52 -8.90
C VAL A 27 -22.75 6.41 -8.63
N ASP A 28 -23.20 5.37 -7.95
CA ASP A 28 -22.34 4.24 -7.59
C ASP A 28 -22.74 2.96 -8.34
N TYR A 29 -21.84 2.49 -9.20
CA TYR A 29 -22.09 1.29 -10.00
C TYR A 29 -21.75 -0.01 -9.26
N GLY A 30 -22.69 -0.95 -9.27
CA GLY A 30 -22.50 -2.21 -8.57
C GLY A 30 -22.40 -1.89 -7.09
N CYS A 31 -23.30 -1.03 -6.61
CA CYS A 31 -23.31 -0.58 -5.22
C CYS A 31 -23.52 -1.65 -4.16
N GLY A 32 -23.93 -2.84 -4.57
CA GLY A 32 -24.18 -3.90 -3.59
C GLY A 32 -25.26 -3.39 -2.64
N TYR A 33 -25.04 -3.51 -1.34
CA TYR A 33 -26.03 -3.03 -0.38
C TYR A 33 -25.80 -1.55 -0.02
N GLY A 34 -24.97 -0.86 -0.82
CA GLY A 34 -24.69 0.56 -0.58
C GLY A 34 -23.46 0.87 0.25
N TYR A 35 -22.50 -0.05 0.25
CA TYR A 35 -21.27 0.11 1.02
C TYR A 35 -20.57 1.46 0.84
N LEU A 36 -20.24 1.81 -0.39
CA LEU A 36 -19.53 3.05 -0.65
C LEU A 36 -20.33 4.27 -0.19
N GLY A 37 -21.66 4.18 -0.26
CA GLY A 37 -22.49 5.27 0.19
C GLY A 37 -22.41 5.40 1.70
N LEU A 38 -22.40 4.29 2.42
CA LEU A 38 -22.31 4.33 3.88
C LEU A 38 -20.97 4.92 4.29
N VAL A 39 -19.97 4.79 3.43
CA VAL A 39 -18.63 5.31 3.69
C VAL A 39 -18.48 6.79 3.36
N LEU A 40 -18.91 7.19 2.16
CA LEU A 40 -18.75 8.58 1.72
C LEU A 40 -19.84 9.59 2.09
N MSE A 41 -21.11 9.20 2.07
CA MSE A 41 -22.17 10.15 2.37
C MSE A 41 -21.98 10.87 3.70
O MSE A 41 -22.24 12.08 3.80
CB MSE A 41 -23.53 9.46 2.32
CG MSE A 41 -23.97 9.13 0.90
SE MSE A 41 -24.00 10.70 -0.26
CE MSE A 41 -25.72 11.43 0.32
N PRO A 42 -21.53 10.17 4.74
CA PRO A 42 -21.34 10.87 6.03
C PRO A 42 -20.26 11.96 5.93
N LEU A 43 -19.31 11.79 5.02
CA LEU A 43 -18.22 12.74 4.85
C LEU A 43 -18.49 13.80 3.78
N LEU A 44 -19.48 13.57 2.94
CA LEU A 44 -19.78 14.53 1.90
C LEU A 44 -20.59 15.71 2.42
N PRO A 45 -20.59 16.83 1.67
CA PRO A 45 -21.33 18.03 2.07
C PRO A 45 -22.81 17.71 2.23
N GLU A 46 -23.43 18.29 3.25
CA GLU A 46 -24.86 18.08 3.51
C GLU A 46 -25.65 18.45 2.27
N GLY A 47 -26.61 17.61 1.88
CA GLY A 47 -27.41 17.90 0.71
C GLY A 47 -26.99 17.08 -0.49
N SER A 48 -25.94 16.28 -0.34
CA SER A 48 -25.47 15.44 -1.43
C SER A 48 -26.48 14.34 -1.72
N LYS A 49 -26.50 13.86 -2.97
CA LYS A 49 -27.42 12.82 -3.39
C LYS A 49 -26.65 11.55 -3.78
N TYR A 50 -27.13 10.42 -3.29
CA TYR A 50 -26.49 9.13 -3.58
C TYR A 50 -27.41 8.22 -4.38
N THR A 51 -26.93 7.75 -5.52
CA THR A 51 -27.71 6.84 -6.36
C THR A 51 -26.89 5.58 -6.62
N GLY A 52 -27.43 4.44 -6.22
CA GLY A 52 -26.71 3.19 -6.42
C GLY A 52 -27.34 2.34 -7.50
N ILE A 53 -26.51 1.62 -8.27
CA ILE A 53 -27.01 0.75 -9.33
C ILE A 53 -26.56 -0.67 -9.07
N ASP A 54 -27.49 -1.62 -9.16
CA ASP A 54 -27.13 -3.01 -8.96
C ASP A 54 -28.21 -3.93 -9.54
N SER A 55 -27.81 -5.14 -9.90
CA SER A 55 -28.73 -6.12 -10.48
C SER A 55 -29.34 -7.03 -9.43
N GLY A 56 -28.72 -7.08 -8.25
CA GLY A 56 -29.23 -7.92 -7.18
C GLY A 56 -30.45 -7.34 -6.49
N GLU A 57 -31.61 -7.93 -6.76
CA GLU A 57 -32.87 -7.47 -6.16
C GLU A 57 -32.81 -7.48 -4.64
N THR A 58 -32.35 -8.59 -4.07
CA THR A 58 -32.25 -8.73 -2.63
C THR A 58 -31.27 -7.71 -2.07
N LEU A 59 -30.16 -7.50 -2.77
CA LEU A 59 -29.16 -6.52 -2.35
C LEU A 59 -29.80 -5.15 -2.23
N LEU A 60 -30.52 -4.73 -3.26
CA LEU A 60 -31.14 -3.42 -3.24
C LEU A 60 -32.19 -3.31 -2.15
N ALA A 61 -32.82 -4.43 -1.80
CA ALA A 61 -33.82 -4.44 -0.75
C ALA A 61 -33.14 -4.12 0.58
N GLU A 62 -31.97 -4.71 0.79
CA GLU A 62 -31.23 -4.47 2.03
C GLU A 62 -30.72 -3.04 2.05
N ALA A 63 -30.21 -2.58 0.91
CA ALA A 63 -29.70 -1.22 0.81
C ALA A 63 -30.76 -0.20 1.17
N ARG A 64 -31.95 -0.35 0.58
CA ARG A 64 -33.06 0.56 0.84
C ARG A 64 -33.44 0.58 2.31
N GLU A 65 -33.50 -0.59 2.93
CA GLU A 65 -33.85 -0.67 4.35
C GLU A 65 -32.74 -0.07 5.19
N LEU A 66 -31.51 -0.26 4.75
CA LEU A 66 -30.36 0.26 5.46
C LEU A 66 -30.32 1.79 5.42
N PHE A 67 -30.51 2.36 4.24
CA PHE A 67 -30.48 3.82 4.07
C PHE A 67 -31.78 4.52 4.48
N ARG A 68 -32.82 3.74 4.71
CA ARG A 68 -34.11 4.29 5.12
C ARG A 68 -33.96 4.97 6.47
N LEU A 69 -33.13 4.37 7.33
CA LEU A 69 -32.88 4.86 8.67
C LEU A 69 -31.88 6.02 8.72
N LEU A 70 -31.19 6.24 7.61
CA LEU A 70 -30.18 7.30 7.52
C LEU A 70 -30.72 8.63 7.02
N PRO A 71 -30.07 9.73 7.44
CA PRO A 71 -30.47 11.09 7.04
C PRO A 71 -29.83 11.51 5.72
N TYR A 72 -29.60 10.56 4.83
CA TYR A 72 -28.99 10.88 3.55
C TYR A 72 -29.96 10.56 2.41
N ASP A 73 -30.04 11.47 1.44
CA ASP A 73 -30.90 11.26 0.29
C ASP A 73 -30.27 10.16 -0.57
N SER A 74 -30.94 9.02 -0.63
CA SER A 74 -30.42 7.90 -1.39
C SER A 74 -31.50 7.14 -2.18
N GLU A 75 -31.13 6.71 -3.38
CA GLU A 75 -32.03 5.96 -4.24
C GLU A 75 -31.26 4.82 -4.89
N PHE A 76 -31.93 3.70 -5.13
CA PHE A 76 -31.29 2.56 -5.74
C PHE A 76 -32.03 2.11 -6.98
N LEU A 77 -31.28 1.93 -8.06
CA LEU A 77 -31.85 1.50 -9.33
C LEU A 77 -31.49 0.05 -9.55
N GLU A 78 -32.46 -0.74 -10.00
CA GLU A 78 -32.23 -2.15 -10.28
C GLU A 78 -32.08 -2.32 -11.79
N GLY A 79 -30.96 -2.92 -12.21
CA GLY A 79 -30.71 -3.12 -13.62
C GLY A 79 -29.27 -3.49 -13.93
N ASP A 80 -29.02 -3.93 -15.15
CA ASP A 80 -27.69 -4.33 -15.60
C ASP A 80 -26.90 -3.06 -15.90
N ALA A 81 -25.86 -2.83 -15.11
CA ALA A 81 -25.02 -1.64 -15.26
C ALA A 81 -24.38 -1.54 -16.64
N THR A 82 -24.24 -2.67 -17.33
CA THR A 82 -23.63 -2.64 -18.66
C THR A 82 -24.62 -2.27 -19.74
N GLU A 83 -25.88 -2.11 -19.39
CA GLU A 83 -26.89 -1.75 -20.36
C GLU A 83 -27.83 -0.63 -19.92
N ILE A 84 -27.92 -0.43 -18.61
CA ILE A 84 -28.76 0.61 -18.06
C ILE A 84 -28.50 1.96 -18.73
N GLU A 85 -29.55 2.69 -19.07
CA GLU A 85 -29.39 4.00 -19.69
C GLU A 85 -29.85 5.10 -18.73
N LEU A 86 -28.91 5.88 -18.23
CA LEU A 86 -29.25 6.94 -17.30
C LEU A 86 -29.69 8.20 -18.06
N ASN A 87 -30.59 8.97 -17.46
CA ASN A 87 -31.05 10.19 -18.11
C ASN A 87 -30.36 11.42 -17.55
N ASP A 88 -29.73 11.27 -16.38
CA ASP A 88 -29.03 12.39 -15.75
C ASP A 88 -27.51 12.32 -15.84
N LYS A 89 -26.87 13.46 -15.57
CA LYS A 89 -25.41 13.54 -15.57
C LYS A 89 -25.06 13.80 -14.12
N TYR A 90 -24.10 13.03 -13.61
CA TYR A 90 -23.69 13.14 -12.22
C TYR A 90 -22.38 13.91 -12.03
N ASP A 91 -22.18 14.41 -10.82
CA ASP A 91 -20.98 15.15 -10.50
C ASP A 91 -19.81 14.19 -10.33
N ILE A 92 -20.11 13.02 -9.78
CA ILE A 92 -19.08 12.01 -9.55
C ILE A 92 -19.66 10.63 -9.83
N ALA A 93 -18.92 9.81 -10.55
CA ALA A 93 -19.33 8.43 -10.80
C ALA A 93 -18.31 7.62 -10.00
N ILE A 94 -18.78 6.66 -9.20
CA ILE A 94 -17.86 5.84 -8.41
C ILE A 94 -18.24 4.37 -8.42
N CYS A 95 -17.36 3.54 -7.89
CA CYS A 95 -17.61 2.11 -7.77
C CYS A 95 -16.61 1.54 -6.78
N HIS A 96 -16.99 0.44 -6.13
CA HIS A 96 -16.12 -0.20 -5.16
C HIS A 96 -16.13 -1.70 -5.39
N ALA A 97 -14.96 -2.25 -5.71
CA ALA A 97 -14.79 -3.68 -5.97
C ALA A 97 -15.85 -4.14 -6.95
N PHE A 98 -15.97 -3.40 -8.05
CA PHE A 98 -16.97 -3.70 -9.06
C PHE A 98 -16.35 -4.09 -10.39
N LEU A 99 -15.43 -3.26 -10.87
CA LEU A 99 -14.79 -3.49 -12.15
C LEU A 99 -14.05 -4.82 -12.28
N LEU A 100 -13.58 -5.39 -11.18
CA LEU A 100 -12.85 -6.64 -11.22
C LEU A 100 -13.74 -7.80 -11.65
N HIS A 101 -15.06 -7.60 -11.62
CA HIS A 101 -16.01 -8.63 -12.01
C HIS A 101 -16.47 -8.47 -13.46
N MSE A 102 -16.03 -7.39 -14.10
CA MSE A 102 -16.39 -7.11 -15.48
C MSE A 102 -15.44 -7.84 -16.43
O MSE A 102 -14.23 -7.85 -16.23
CB MSE A 102 -16.29 -5.61 -15.77
CG MSE A 102 -17.24 -4.76 -14.96
SE MSE A 102 -19.10 -5.04 -15.46
CE MSE A 102 -19.58 -6.31 -14.08
N THR A 103 -16.00 -8.45 -17.48
CA THR A 103 -15.20 -9.16 -18.46
C THR A 103 -14.54 -8.16 -19.39
N THR A 104 -15.15 -6.99 -19.53
CA THR A 104 -14.60 -5.94 -20.38
C THR A 104 -14.59 -4.63 -19.58
N PRO A 105 -13.67 -4.50 -18.61
CA PRO A 105 -13.51 -3.32 -17.75
C PRO A 105 -13.50 -1.97 -18.45
N GLU A 106 -12.70 -1.85 -19.51
CA GLU A 106 -12.59 -0.59 -20.25
C GLU A 106 -13.96 -0.08 -20.71
N THR A 107 -14.78 -0.97 -21.26
CA THR A 107 -16.09 -0.59 -21.76
C THR A 107 -16.99 -0.04 -20.64
N MSE A 108 -17.03 -0.76 -19.52
CA MSE A 108 -17.83 -0.34 -18.37
C MSE A 108 -17.33 1.01 -17.86
O MSE A 108 -18.12 1.87 -17.47
CB MSE A 108 -17.76 -1.38 -17.25
CG MSE A 108 -18.68 -1.11 -16.09
SE MSE A 108 -20.56 -1.09 -16.59
CE MSE A 108 -20.98 0.77 -16.30
N LEU A 109 -16.01 1.21 -17.86
CA LEU A 109 -15.44 2.47 -17.41
C LEU A 109 -15.91 3.58 -18.35
N GLN A 110 -15.91 3.28 -19.65
CA GLN A 110 -16.35 4.21 -20.68
C GLN A 110 -17.79 4.66 -20.37
N LYS A 111 -18.65 3.70 -20.07
CA LYS A 111 -20.04 4.00 -19.75
C LYS A 111 -20.12 4.88 -18.49
N MSE A 112 -19.33 4.55 -17.47
CA MSE A 112 -19.34 5.35 -16.23
C MSE A 112 -18.97 6.80 -16.54
O MSE A 112 -19.62 7.72 -16.07
CB MSE A 112 -18.37 4.76 -15.21
CG MSE A 112 -18.78 3.40 -14.65
SE MSE A 112 -17.48 2.64 -13.45
CE MSE A 112 -17.37 4.00 -12.09
N ILE A 113 -17.95 6.98 -17.38
CA ILE A 113 -17.49 8.31 -17.77
C ILE A 113 -18.60 9.09 -18.47
N HIS A 114 -19.31 8.43 -19.39
CA HIS A 114 -20.38 9.09 -20.11
C HIS A 114 -21.50 9.59 -19.21
N SER A 115 -21.63 8.99 -18.02
CA SER A 115 -22.67 9.39 -17.09
C SER A 115 -22.21 10.57 -16.22
N VAL A 116 -20.98 11.03 -16.45
CA VAL A 116 -20.44 12.14 -15.66
C VAL A 116 -20.49 13.45 -16.45
N LYS A 117 -20.92 14.52 -15.78
CA LYS A 117 -21.00 15.82 -16.43
C LYS A 117 -19.61 16.41 -16.61
N LYS A 118 -19.46 17.30 -17.60
CA LYS A 118 -18.19 17.95 -17.86
C LYS A 118 -17.71 18.63 -16.58
N GLY A 119 -16.44 18.41 -16.25
CA GLY A 119 -15.89 18.99 -15.04
C GLY A 119 -16.14 18.07 -13.85
N GLY A 120 -16.84 16.96 -14.11
CA GLY A 120 -17.14 16.01 -13.05
C GLY A 120 -15.96 15.09 -12.74
N LYS A 121 -16.15 14.19 -11.79
CA LYS A 121 -15.08 13.28 -11.40
C LYS A 121 -15.50 11.81 -11.50
N ILE A 122 -14.50 10.93 -11.59
CA ILE A 122 -14.75 9.50 -11.59
C ILE A 122 -13.77 8.93 -10.56
N ILE A 123 -14.29 8.17 -9.60
CA ILE A 123 -13.48 7.58 -8.55
C ILE A 123 -13.72 6.08 -8.52
N CYS A 124 -12.66 5.29 -8.63
CA CYS A 124 -12.79 3.84 -8.61
C CYS A 124 -11.98 3.27 -7.43
N PHE A 125 -12.64 2.45 -6.62
CA PHE A 125 -12.01 1.79 -5.48
C PHE A 125 -11.92 0.34 -5.91
N GLU A 126 -10.73 -0.08 -6.35
CA GLU A 126 -10.57 -1.45 -6.81
C GLU A 126 -9.38 -2.12 -6.14
N PRO A 127 -9.46 -3.44 -5.98
CA PRO A 127 -8.36 -4.16 -5.33
C PRO A 127 -7.19 -4.53 -6.24
N HIS A 128 -6.11 -4.94 -5.60
CA HIS A 128 -4.92 -5.38 -6.30
C HIS A 128 -4.49 -6.59 -5.51
N TRP A 129 -5.17 -7.69 -5.75
CA TRP A 129 -4.92 -8.94 -5.05
C TRP A 129 -3.45 -9.30 -4.81
N ILE A 130 -2.63 -9.21 -5.85
CA ILE A 130 -1.23 -9.58 -5.70
C ILE A 130 -0.51 -8.75 -4.63
N SER A 131 -0.70 -7.42 -4.61
CA SER A 131 -0.05 -6.60 -3.60
C SER A 131 -0.74 -6.85 -2.23
N ASN A 132 -2.03 -7.16 -2.28
CA ASN A 132 -2.78 -7.48 -1.06
C ASN A 132 -2.14 -8.73 -0.42
N MSE A 133 -1.97 -9.79 -1.21
CA MSE A 133 -1.37 -11.04 -0.72
C MSE A 133 0.08 -10.88 -0.23
O MSE A 133 0.49 -11.51 0.75
CB MSE A 133 -1.42 -12.14 -1.80
CG MSE A 133 -2.82 -12.61 -2.17
SE MSE A 133 -3.84 -13.21 -0.62
CE MSE A 133 -2.77 -14.74 -0.15
N ALA A 134 0.85 -10.04 -0.92
CA ALA A 134 2.24 -9.81 -0.53
C ALA A 134 2.31 -8.98 0.75
N SER A 135 1.19 -8.38 1.12
CA SER A 135 1.13 -7.54 2.32
C SER A 135 0.67 -8.31 3.55
N TYR A 136 1.33 -9.43 3.83
CA TYR A 136 1.01 -10.25 4.99
C TYR A 136 2.27 -10.56 5.76
N LEU A 137 2.16 -10.48 7.08
CA LEU A 137 3.27 -10.75 7.97
C LEU A 137 2.66 -11.49 9.16
N LEU A 138 3.12 -12.71 9.39
CA LEU A 138 2.63 -13.55 10.49
C LEU A 138 3.82 -13.85 11.39
N ASP A 139 3.77 -13.38 12.63
CA ASP A 139 4.88 -13.63 13.54
C ASP A 139 5.05 -15.14 13.79
N GLY A 140 6.28 -15.61 13.66
CA GLY A 140 6.58 -17.01 13.88
C GLY A 140 6.50 -17.88 12.65
N GLU A 141 6.19 -17.28 11.51
CA GLU A 141 6.06 -18.00 10.26
C GLU A 141 6.65 -17.22 9.09
N LYS A 142 7.32 -17.92 8.19
CA LYS A 142 7.89 -17.28 7.01
C LYS A 142 6.76 -17.12 6.00
N GLN A 143 6.63 -15.92 5.46
CA GLN A 143 5.57 -15.65 4.50
C GLN A 143 5.45 -16.72 3.41
N SER A 144 6.59 -17.14 2.85
CA SER A 144 6.60 -18.16 1.80
C SER A 144 6.01 -19.50 2.25
N GLU A 145 5.90 -19.69 3.56
CA GLU A 145 5.34 -20.93 4.12
C GLU A 145 3.83 -21.00 3.99
N PHE A 146 3.15 -19.85 4.07
CA PHE A 146 1.70 -19.87 3.99
C PHE A 146 1.13 -19.07 2.85
N ILE A 147 2.02 -18.50 2.03
CA ILE A 147 1.62 -17.71 0.86
C ILE A 147 2.64 -17.86 -0.27
N GLN A 148 2.23 -18.52 -1.35
CA GLN A 148 3.12 -18.71 -2.51
C GLN A 148 2.86 -17.62 -3.53
N LEU A 149 3.56 -16.49 -3.37
CA LEU A 149 3.38 -15.36 -4.29
C LEU A 149 3.62 -15.74 -5.75
N GLY A 150 4.60 -16.59 -5.98
CA GLY A 150 4.90 -17.01 -7.34
C GLY A 150 3.71 -17.70 -7.98
N VAL A 151 3.11 -18.64 -7.26
CA VAL A 151 1.95 -19.37 -7.77
C VAL A 151 0.77 -18.42 -7.95
N LEU A 152 0.49 -17.62 -6.92
CA LEU A 152 -0.62 -16.65 -6.97
C LEU A 152 -0.46 -15.70 -8.14
N GLN A 153 0.77 -15.24 -8.36
CA GLN A 153 1.05 -14.34 -9.45
C GLN A 153 0.61 -14.98 -10.77
N LYS A 154 1.02 -16.23 -11.02
CA LYS A 154 0.63 -16.92 -12.25
C LYS A 154 -0.87 -17.19 -12.30
N LEU A 155 -1.42 -17.62 -11.17
CA LEU A 155 -2.84 -17.93 -11.07
C LEU A 155 -3.74 -16.75 -11.43
N PHE A 156 -3.50 -15.58 -10.82
CA PHE A 156 -4.35 -14.42 -11.12
C PHE A 156 -4.20 -13.96 -12.57
N GLU A 157 -3.00 -14.11 -13.14
CA GLU A 157 -2.77 -13.72 -14.53
C GLU A 157 -3.54 -14.65 -15.46
N SER A 158 -3.58 -15.94 -15.11
CA SER A 158 -4.28 -16.92 -15.93
C SER A 158 -5.78 -16.64 -15.98
N ASP A 159 -6.38 -16.48 -14.80
CA ASP A 159 -7.81 -16.21 -14.72
C ASP A 159 -8.19 -15.01 -15.58
N THR A 160 -7.38 -13.95 -15.52
CA THR A 160 -7.67 -12.75 -16.29
C THR A 160 -7.63 -13.03 -17.79
N GLN A 161 -6.68 -13.86 -18.21
CA GLN A 161 -6.54 -14.22 -19.61
C GLN A 161 -7.72 -15.06 -20.08
N ARG A 162 -8.39 -15.73 -19.15
CA ARG A 162 -9.56 -16.54 -19.49
C ARG A 162 -10.82 -15.73 -19.65
N ASN A 163 -11.60 -15.67 -18.57
CA ASN A 163 -12.87 -14.93 -18.57
C ASN A 163 -12.74 -13.43 -18.74
N GLY A 164 -11.65 -12.86 -18.26
CA GLY A 164 -11.45 -11.42 -18.37
C GLY A 164 -11.50 -10.69 -17.03
N LYS A 165 -12.03 -11.34 -16.00
CA LYS A 165 -12.11 -10.76 -14.66
C LYS A 165 -10.70 -10.52 -14.14
N ASP A 166 -10.41 -9.28 -13.78
CA ASP A 166 -9.10 -8.91 -13.31
C ASP A 166 -9.06 -8.57 -11.81
N GLY A 167 -8.45 -9.46 -11.03
CA GLY A 167 -8.35 -9.22 -9.60
C GLY A 167 -7.28 -8.18 -9.27
N ASN A 168 -6.44 -7.87 -10.26
CA ASN A 168 -5.41 -6.87 -10.07
C ASN A 168 -5.74 -5.59 -10.84
N ILE A 169 -7.00 -5.46 -11.23
CA ILE A 169 -7.41 -4.29 -11.99
C ILE A 169 -7.17 -2.94 -11.29
N GLY A 170 -7.07 -2.93 -9.97
CA GLY A 170 -6.85 -1.69 -9.25
C GLY A 170 -5.69 -0.83 -9.72
N MSE A 171 -4.63 -1.48 -10.18
CA MSE A 171 -3.46 -0.76 -10.65
C MSE A 171 -3.53 -0.43 -12.13
O MSE A 171 -2.69 0.32 -12.65
CB MSE A 171 -2.20 -1.58 -10.36
CG MSE A 171 -1.90 -1.67 -8.89
SE MSE A 171 -0.56 -0.39 -8.35
CE MSE A 171 0.91 -1.59 -8.56
N LYS A 172 -4.52 -0.97 -12.82
CA LYS A 172 -4.69 -0.71 -14.25
C LYS A 172 -5.69 0.41 -14.53
N ILE A 173 -6.54 0.72 -13.55
CA ILE A 173 -7.51 1.78 -13.74
C ILE A 173 -6.87 3.06 -14.27
N PRO A 174 -5.72 3.47 -13.69
CA PRO A 174 -5.10 4.70 -14.20
C PRO A 174 -4.86 4.65 -15.71
N ILE A 175 -4.38 3.51 -16.19
CA ILE A 175 -4.10 3.33 -17.62
C ILE A 175 -5.39 3.37 -18.45
N TYR A 176 -6.43 2.68 -17.99
CA TYR A 176 -7.71 2.68 -18.71
C TYR A 176 -8.27 4.09 -18.75
N LEU A 177 -8.17 4.80 -17.63
CA LEU A 177 -8.66 6.16 -17.57
C LEU A 177 -7.86 7.05 -18.51
N SER A 178 -6.56 6.79 -18.63
CA SER A 178 -5.71 7.59 -19.51
C SER A 178 -6.13 7.41 -20.98
N GLU A 179 -6.27 6.17 -21.41
CA GLU A 179 -6.66 5.87 -22.77
C GLU A 179 -8.02 6.50 -23.07
N LEU A 180 -8.92 6.53 -22.08
CA LEU A 180 -10.25 7.11 -22.27
C LEU A 180 -10.29 8.62 -22.24
N GLY A 181 -9.12 9.25 -22.18
CA GLY A 181 -9.07 10.70 -22.18
C GLY A 181 -9.36 11.43 -20.89
N VAL A 182 -9.34 10.74 -19.75
CA VAL A 182 -9.59 11.39 -18.47
C VAL A 182 -8.40 12.30 -18.11
N LYS A 183 -8.66 13.41 -17.44
CA LYS A 183 -7.62 14.36 -17.05
C LYS A 183 -7.30 14.36 -15.55
N ASN A 184 -6.09 14.80 -15.20
CA ASN A 184 -5.66 14.88 -13.81
C ASN A 184 -5.79 13.55 -13.07
N ILE A 185 -5.39 12.48 -13.73
CA ILE A 185 -5.45 11.15 -13.17
C ILE A 185 -4.49 10.98 -12.01
N GLU A 186 -4.96 10.35 -10.94
CA GLU A 186 -4.11 10.14 -9.79
C GLU A 186 -4.61 8.92 -9.03
N CYS A 187 -3.68 8.07 -8.62
CA CYS A 187 -4.03 6.87 -7.89
C CYS A 187 -3.45 6.97 -6.48
N ARG A 188 -4.16 6.40 -5.51
CA ARG A 188 -3.70 6.42 -4.12
C ARG A 188 -3.96 5.08 -3.48
N VAL A 189 -3.06 4.65 -2.61
CA VAL A 189 -3.25 3.38 -1.93
C VAL A 189 -3.88 3.66 -0.58
N SER A 190 -4.97 2.97 -0.25
CA SER A 190 -5.58 3.19 1.05
C SER A 190 -4.42 2.99 2.04
N ASP A 191 -4.32 3.83 3.06
CA ASP A 191 -3.22 3.73 4.02
C ASP A 191 -3.48 2.72 5.14
N LYS A 192 -4.60 2.03 5.05
CA LYS A 192 -5.01 1.07 6.05
C LYS A 192 -4.10 -0.13 6.25
N VAL A 193 -3.80 -0.40 7.52
CA VAL A 193 -2.99 -1.55 7.91
C VAL A 193 -3.64 -2.16 9.14
N ASN A 194 -3.98 -3.44 9.06
CA ASN A 194 -4.60 -4.12 10.18
C ASN A 194 -3.50 -4.78 11.00
N PHE A 195 -3.61 -4.66 12.32
CA PHE A 195 -2.62 -5.25 13.20
C PHE A 195 -3.27 -6.02 14.34
N LEU A 196 -3.29 -7.35 14.20
CA LEU A 196 -3.84 -8.22 15.21
C LEU A 196 -2.64 -8.35 16.16
N ASP A 197 -2.73 -7.66 17.28
CA ASP A 197 -1.65 -7.59 18.27
C ASP A 197 -1.70 -8.63 19.37
N SER A 198 -0.78 -9.57 19.32
CA SER A 198 -0.71 -10.62 20.30
C SER A 198 -0.54 -10.15 21.75
N ASN A 199 -0.17 -8.89 21.93
CA ASN A 199 0.01 -8.33 23.29
C ASN A 199 -1.10 -7.37 23.66
N MSE A 200 -2.08 -7.23 22.78
CA MSE A 200 -3.20 -6.37 23.08
C MSE A 200 -4.31 -7.30 23.58
O MSE A 200 -4.74 -8.20 22.86
CB MSE A 200 -3.68 -5.63 21.84
CG MSE A 200 -4.90 -4.74 22.10
SE MSE A 200 -5.68 -4.00 20.47
CE MSE A 200 -4.53 -2.44 20.27
N HIS A 201 -4.76 -7.09 24.81
CA HIS A 201 -5.81 -7.91 25.37
C HIS A 201 -6.98 -6.99 25.68
N HIS A 202 -7.91 -6.93 24.74
CA HIS A 202 -9.05 -6.05 24.85
C HIS A 202 -10.09 -6.55 23.87
N ASN A 203 -11.36 -6.18 24.08
CA ASN A 203 -12.44 -6.57 23.21
C ASN A 203 -12.19 -6.14 21.76
N ASP A 204 -11.49 -5.04 21.56
CA ASP A 204 -11.21 -4.58 20.20
C ASP A 204 -10.34 -5.56 19.44
N LYS A 205 -9.40 -6.19 20.14
CA LYS A 205 -8.53 -7.15 19.51
C LYS A 205 -9.36 -8.36 19.08
N ASN A 206 -10.29 -8.78 19.95
CA ASN A 206 -11.16 -9.91 19.64
C ASN A 206 -12.06 -9.59 18.45
N ASP A 207 -12.54 -8.35 18.39
CA ASP A 207 -13.39 -7.96 17.27
C ASP A 207 -12.64 -7.97 15.96
N LEU A 208 -11.38 -7.52 15.99
CA LEU A 208 -10.58 -7.51 14.77
C LEU A 208 -10.41 -8.93 14.24
N TYR A 209 -10.18 -9.88 15.14
CA TYR A 209 -9.99 -11.27 14.74
C TYR A 209 -11.25 -11.79 14.06
N GLN A 210 -12.40 -11.47 14.64
CA GLN A 210 -13.67 -11.88 14.08
C GLN A 210 -13.83 -11.33 12.66
N SER A 211 -13.52 -10.05 12.47
CA SER A 211 -13.63 -9.43 11.14
C SER A 211 -12.72 -10.13 10.14
N LEU A 212 -11.49 -10.40 10.58
CA LEU A 212 -10.52 -11.08 9.72
C LEU A 212 -11.09 -12.42 9.26
N LYS A 213 -11.63 -13.20 10.19
CA LYS A 213 -12.18 -14.51 9.83
C LYS A 213 -13.42 -14.41 8.96
N GLU A 214 -14.30 -13.45 9.26
CA GLU A 214 -15.51 -13.27 8.47
C GLU A 214 -15.15 -12.90 7.04
N GLU A 215 -13.98 -12.31 6.85
CA GLU A 215 -13.53 -11.93 5.52
C GLU A 215 -12.95 -13.12 4.78
N GLY A 216 -12.79 -14.24 5.48
CA GLY A 216 -12.26 -15.42 4.83
C GLY A 216 -10.76 -15.57 4.92
N ILE A 217 -10.10 -14.72 5.71
CA ILE A 217 -8.65 -14.81 5.85
C ILE A 217 -8.26 -16.15 6.48
N ALA A 218 -7.28 -16.84 5.87
CA ALA A 218 -6.81 -18.12 6.38
C ALA A 218 -7.94 -19.15 6.55
N GLY A 219 -8.77 -19.27 5.53
CA GLY A 219 -9.87 -20.22 5.61
C GLY A 219 -9.41 -21.63 5.28
N ASP A 220 -10.17 -22.63 5.72
CA ASP A 220 -9.86 -24.03 5.46
C ASP A 220 -9.86 -24.29 3.96
N PRO A 221 -8.77 -24.85 3.41
CA PRO A 221 -8.71 -25.13 1.97
C PRO A 221 -9.67 -26.25 1.56
N GLY A 222 -10.09 -27.06 2.51
CA GLY A 222 -11.02 -28.14 2.24
C GLY A 222 -10.36 -29.41 1.73
N ASP A 223 -11.09 -30.16 0.91
CA ASP A 223 -10.59 -31.41 0.34
C ASP A 223 -9.37 -31.16 -0.54
N LYS A 224 -8.27 -31.86 -0.25
CA LYS A 224 -7.05 -31.69 -1.00
C LYS A 224 -7.19 -31.95 -2.50
N GLN A 225 -7.77 -33.09 -2.85
CA GLN A 225 -7.95 -33.45 -4.25
C GLN A 225 -8.79 -32.43 -5.02
N GLN A 226 -9.94 -32.05 -4.48
CA GLN A 226 -10.79 -31.07 -5.15
C GLN A 226 -10.07 -29.74 -5.33
N PHE A 227 -9.25 -29.39 -4.35
CA PHE A 227 -8.51 -28.13 -4.40
C PHE A 227 -7.48 -28.13 -5.53
N VAL A 228 -6.63 -29.15 -5.55
CA VAL A 228 -5.61 -29.24 -6.57
C VAL A 228 -6.22 -29.27 -7.98
N GLU A 229 -7.25 -30.10 -8.15
CA GLU A 229 -7.91 -30.21 -9.45
C GLU A 229 -8.55 -28.89 -9.86
N ARG A 230 -9.10 -28.17 -8.88
CA ARG A 230 -9.74 -26.90 -9.15
C ARG A 230 -8.74 -25.86 -9.66
N LEU A 231 -7.55 -25.85 -9.09
CA LEU A 231 -6.51 -24.91 -9.50
C LEU A 231 -5.90 -25.30 -10.83
N ILE A 232 -5.64 -26.59 -11.02
CA ILE A 232 -5.07 -27.09 -12.27
C ILE A 232 -5.98 -26.67 -13.42
N ALA A 233 -7.28 -26.71 -13.18
CA ALA A 233 -8.26 -26.35 -14.19
C ALA A 233 -8.26 -24.85 -14.46
N ARG A 234 -7.53 -24.09 -13.65
CA ARG A 234 -7.46 -22.64 -13.81
C ARG A 234 -6.16 -22.19 -14.46
N GLY A 235 -5.33 -23.15 -14.85
CA GLY A 235 -4.09 -22.82 -15.51
C GLY A 235 -2.81 -23.06 -14.75
N LEU A 236 -2.85 -23.90 -13.72
CA LEU A 236 -1.66 -24.18 -12.93
C LEU A 236 -1.22 -25.63 -13.02
N THR A 237 0.07 -25.87 -12.83
CA THR A 237 0.59 -27.23 -12.88
C THR A 237 0.22 -27.95 -11.59
N TYR A 238 0.59 -29.22 -11.48
CA TYR A 238 0.28 -29.97 -10.28
C TYR A 238 1.15 -29.55 -9.09
N ASP A 239 2.44 -29.32 -9.34
CA ASP A 239 3.33 -28.92 -8.24
C ASP A 239 3.01 -27.52 -7.72
N ASN A 240 2.31 -26.73 -8.53
CA ASN A 240 1.93 -25.37 -8.14
C ASN A 240 0.67 -25.43 -7.29
N ALA A 241 -0.31 -26.17 -7.76
CA ALA A 241 -1.57 -26.30 -7.04
C ALA A 241 -1.34 -26.96 -5.69
N LEU A 242 -0.37 -27.88 -5.63
CA LEU A 242 -0.07 -28.59 -4.39
C LEU A 242 0.58 -27.62 -3.41
N ALA A 243 1.58 -26.88 -3.90
CA ALA A 243 2.29 -25.91 -3.06
C ALA A 243 1.30 -24.89 -2.52
N GLN A 244 0.32 -24.53 -3.35
CA GLN A 244 -0.69 -23.58 -2.97
C GLN A 244 -1.57 -24.16 -1.85
N TYR A 245 -1.94 -25.42 -2.01
CA TYR A 245 -2.78 -26.11 -1.04
C TYR A 245 -2.08 -26.17 0.30
N GLU A 246 -0.85 -26.68 0.31
CA GLU A 246 -0.09 -26.79 1.55
C GLU A 246 0.15 -25.42 2.15
N ALA A 247 0.22 -24.40 1.29
CA ALA A 247 0.42 -23.05 1.77
C ALA A 247 -0.82 -22.59 2.52
N GLU A 248 -1.99 -22.77 1.90
CA GLU A 248 -3.26 -22.37 2.52
C GLU A 248 -3.58 -23.19 3.77
N LEU A 249 -3.17 -24.45 3.77
CA LEU A 249 -3.40 -25.32 4.91
C LEU A 249 -2.58 -24.82 6.09
N ARG A 250 -1.34 -24.42 5.82
CA ARG A 250 -0.43 -23.91 6.84
C ARG A 250 -1.00 -22.63 7.48
N PHE A 251 -1.56 -21.76 6.64
CA PHE A 251 -2.11 -20.51 7.13
C PHE A 251 -3.34 -20.77 7.98
N PHE A 252 -4.14 -21.75 7.56
CA PHE A 252 -5.35 -22.11 8.30
C PHE A 252 -5.00 -22.62 9.70
N LYS A 253 -3.92 -23.38 9.79
CA LYS A 253 -3.50 -23.93 11.07
C LYS A 253 -2.66 -22.99 11.92
N ALA A 254 -1.98 -22.05 11.27
CA ALA A 254 -1.13 -21.12 11.99
C ALA A 254 -1.84 -19.91 12.58
N LEU A 255 -2.81 -19.36 11.85
CA LEU A 255 -3.51 -18.18 12.34
C LEU A 255 -4.58 -18.45 13.39
N HIS A 256 -4.50 -17.73 14.51
CA HIS A 256 -5.49 -17.86 15.55
C HIS A 256 -5.56 -16.57 16.37
N LEU A 257 -6.52 -16.50 17.26
CA LEU A 257 -6.74 -15.32 18.10
C LEU A 257 -5.49 -14.79 18.81
N HIS A 258 -4.61 -15.69 19.22
CA HIS A 258 -3.39 -15.32 19.93
C HIS A 258 -2.23 -14.90 19.02
N SER A 259 -2.42 -14.99 17.71
CA SER A 259 -1.36 -14.64 16.77
C SER A 259 -1.10 -13.14 16.60
N SER A 260 0.05 -12.82 16.02
CA SER A 260 0.37 -11.43 15.72
C SER A 260 0.37 -11.40 14.19
N LEU A 261 -0.59 -10.66 13.61
CA LEU A 261 -0.70 -10.55 12.15
C LEU A 261 -0.78 -9.09 11.72
N VAL A 262 -0.04 -8.75 10.68
CA VAL A 262 -0.06 -7.39 10.13
C VAL A 262 -0.49 -7.57 8.68
N TYR A 263 -1.50 -6.81 8.29
CA TYR A 263 -2.09 -6.94 6.95
C TYR A 263 -2.53 -5.59 6.36
N ALA A 264 -2.03 -5.25 5.17
CA ALA A 264 -2.41 -4.01 4.49
C ALA A 264 -3.16 -4.41 3.20
N PRO A 265 -4.50 -4.36 3.21
CA PRO A 265 -5.31 -4.73 2.05
C PRO A 265 -4.87 -4.13 0.72
N ASN A 266 -4.19 -3.00 0.77
CA ASN A 266 -3.69 -2.38 -0.45
C ASN A 266 -4.73 -2.03 -1.48
N MSE A 267 -5.90 -1.62 -1.02
CA MSE A 267 -6.96 -1.22 -1.92
C MSE A 267 -6.45 -0.05 -2.77
O MSE A 267 -5.73 0.82 -2.26
CB MSE A 267 -8.17 -0.82 -1.10
CG MSE A 267 -9.49 -1.23 -1.68
SE MSE A 267 -9.77 -3.14 -1.89
CE MSE A 267 -11.35 -2.94 -2.97
N LYS A 268 -6.80 -0.01 -4.05
CA LYS A 268 -6.36 1.06 -4.95
C LYS A 268 -7.47 2.04 -5.30
N ILE A 269 -7.23 3.31 -5.01
CA ILE A 269 -8.20 4.37 -5.27
C ILE A 269 -7.76 5.26 -6.42
N THR A 270 -8.37 5.05 -7.58
CA THR A 270 -8.01 5.83 -8.76
C THR A 270 -9.08 6.83 -9.11
N PHE A 271 -8.65 8.04 -9.41
CA PHE A 271 -9.58 9.07 -9.77
C PHE A 271 -9.01 9.99 -10.82
N GLY A 272 -9.89 10.66 -11.51
CA GLY A 272 -9.49 11.57 -12.54
C GLY A 272 -10.63 12.52 -12.82
N GLU A 273 -10.38 13.41 -13.77
CA GLU A 273 -11.43 14.37 -14.10
C GLU A 273 -11.89 14.22 -15.55
N ILE A 274 -13.16 14.54 -15.77
CA ILE A 274 -13.78 14.48 -17.09
C ILE A 274 -13.55 15.82 -17.79
N GLU A 275 -12.83 15.78 -18.92
CA GLU A 275 -12.51 17.00 -19.66
C GLU A 275 -13.69 17.96 -19.82
N CYS A 276 -13.55 19.14 -19.22
CA CYS A 276 -14.60 20.15 -19.29
C CYS A 276 -14.88 20.56 -20.72
N ARG B 1 12.05 10.94 -2.26
CA ARG B 1 11.19 12.00 -1.64
C ARG B 1 9.79 11.95 -2.24
N ASP B 2 9.61 12.71 -3.32
CA ASP B 2 8.33 12.78 -4.02
C ASP B 2 7.97 11.50 -4.75
N LEU B 3 8.84 10.49 -4.67
CA LEU B 3 8.56 9.22 -5.31
C LEU B 3 7.95 8.23 -4.31
N TYR B 4 8.10 8.50 -3.01
CA TYR B 4 7.60 7.62 -1.97
C TYR B 4 6.45 8.17 -1.13
N TYR B 5 6.34 9.49 -1.03
CA TYR B 5 5.30 10.12 -0.23
C TYR B 5 4.65 11.31 -0.92
N ASN B 6 3.36 11.47 -0.69
CA ASN B 6 2.64 12.62 -1.22
C ASN B 6 2.78 13.70 -0.13
N ASP B 7 3.04 14.94 -0.55
CA ASP B 7 3.16 16.05 0.40
C ASP B 7 1.91 16.18 1.26
N ASP B 8 0.74 16.18 0.65
CA ASP B 8 -0.50 16.32 1.40
C ASP B 8 -0.73 15.18 2.40
N TYR B 9 -0.30 13.97 2.05
CA TYR B 9 -0.48 12.83 2.94
C TYR B 9 0.43 12.94 4.17
N VAL B 10 1.67 13.42 3.99
CA VAL B 10 2.57 13.55 5.13
C VAL B 10 2.01 14.62 6.09
N SER B 11 1.43 15.68 5.53
CA SER B 11 0.85 16.74 6.32
C SER B 11 -0.36 16.19 7.08
N PHE B 12 -1.06 15.25 6.44
CA PHE B 12 -2.22 14.60 7.03
C PHE B 12 -1.78 13.85 8.28
N LEU B 13 -0.67 13.12 8.19
CA LEU B 13 -0.17 12.36 9.32
C LEU B 13 0.26 13.30 10.44
N VAL B 14 0.96 14.38 10.09
CA VAL B 14 1.41 15.31 11.11
C VAL B 14 0.31 16.07 11.82
N ASN B 15 -0.63 16.62 11.06
CA ASN B 15 -1.70 17.42 11.63
C ASN B 15 -2.97 16.70 12.07
N THR B 16 -3.34 15.66 11.34
CA THR B 16 -4.58 14.95 11.65
C THR B 16 -4.42 13.65 12.43
N VAL B 17 -3.49 12.82 12.01
CA VAL B 17 -3.30 11.55 12.69
C VAL B 17 -2.50 11.71 13.98
N TRP B 18 -1.31 12.30 13.87
CA TRP B 18 -0.45 12.51 15.03
C TRP B 18 -0.84 13.79 15.79
N LYS B 19 -1.54 14.68 15.10
CA LYS B 19 -1.99 15.93 15.70
C LYS B 19 -0.88 16.65 16.46
N ILE B 20 0.22 16.94 15.78
CA ILE B 20 1.33 17.63 16.41
C ILE B 20 1.06 19.13 16.29
N THR B 21 0.84 19.78 17.43
CA THR B 21 0.56 21.22 17.46
C THR B 21 1.64 22.04 18.15
N LYS B 22 2.25 21.47 19.19
CA LYS B 22 3.32 22.13 19.92
C LYS B 22 4.67 21.78 19.28
N PRO B 23 5.64 22.71 19.31
CA PRO B 23 6.95 22.42 18.70
C PRO B 23 7.55 21.18 19.35
N VAL B 24 8.21 20.33 18.56
CA VAL B 24 8.78 19.09 19.09
C VAL B 24 10.28 18.95 18.92
N HIS B 25 10.89 18.19 19.82
CA HIS B 25 12.33 17.92 19.80
C HIS B 25 12.45 16.51 19.23
N ILE B 26 12.83 16.38 17.96
CA ILE B 26 12.92 15.05 17.37
C ILE B 26 14.34 14.60 17.04
N VAL B 27 14.60 13.31 17.23
CA VAL B 27 15.90 12.74 16.92
C VAL B 27 15.69 11.71 15.80
N ASP B 28 16.50 11.82 14.76
CA ASP B 28 16.43 10.95 13.59
C ASP B 28 17.66 10.05 13.48
N TYR B 29 17.47 8.75 13.65
CA TYR B 29 18.57 7.78 13.58
C TYR B 29 18.90 7.34 12.16
N GLY B 30 20.18 7.39 11.81
CA GLY B 30 20.61 7.04 10.47
C GLY B 30 19.99 8.04 9.51
N CYS B 31 20.07 9.32 9.88
CA CYS B 31 19.48 10.40 9.10
C CYS B 31 20.03 10.60 7.70
N GLY B 32 21.16 9.98 7.38
CA GLY B 32 21.74 10.16 6.06
C GLY B 32 22.04 11.64 5.90
N TYR B 33 21.64 12.23 4.79
CA TYR B 33 21.89 13.66 4.59
C TYR B 33 20.75 14.52 5.15
N GLY B 34 19.89 13.91 5.98
CA GLY B 34 18.78 14.63 6.60
C GLY B 34 17.45 14.57 5.86
N TYR B 35 17.26 13.51 5.08
CA TYR B 35 16.03 13.34 4.30
C TYR B 35 14.74 13.53 5.09
N LEU B 36 14.56 12.76 6.16
CA LEU B 36 13.34 12.85 6.95
C LEU B 36 13.12 14.24 7.52
N GLY B 37 14.21 14.94 7.83
CA GLY B 37 14.10 16.29 8.34
C GLY B 37 13.59 17.23 7.25
N LEU B 38 14.09 17.06 6.02
CA LEU B 38 13.65 17.91 4.93
C LEU B 38 12.17 17.68 4.65
N VAL B 39 11.68 16.49 4.99
CA VAL B 39 10.28 16.14 4.79
C VAL B 39 9.37 16.63 5.91
N LEU B 40 9.73 16.37 7.16
CA LEU B 40 8.90 16.75 8.30
C LEU B 40 9.04 18.15 8.89
N MSE B 41 10.26 18.67 8.97
CA MSE B 41 10.43 20.00 9.57
C MSE B 41 9.54 21.08 8.95
O MSE B 41 8.99 21.91 9.66
CB MSE B 41 11.90 20.42 9.51
CG MSE B 41 12.77 19.65 10.49
SE MSE B 41 12.14 19.80 12.35
CE MSE B 41 12.88 21.56 12.74
N PRO B 42 9.37 21.06 7.62
CA PRO B 42 8.50 22.10 7.02
C PRO B 42 7.05 21.97 7.50
N LEU B 43 6.64 20.76 7.87
CA LEU B 43 5.27 20.52 8.32
C LEU B 43 5.09 20.59 9.82
N LEU B 44 6.19 20.55 10.56
CA LEU B 44 6.10 20.60 12.01
C LEU B 44 5.90 22.02 12.53
N PRO B 45 5.40 22.16 13.77
CA PRO B 45 5.17 23.49 14.36
C PRO B 45 6.46 24.30 14.38
N GLU B 46 6.35 25.59 14.12
CA GLU B 46 7.51 26.48 14.13
C GLU B 46 8.20 26.40 15.49
N GLY B 47 9.52 26.29 15.49
CA GLY B 47 10.24 26.21 16.75
C GLY B 47 10.69 24.79 17.07
N SER B 48 10.32 23.84 16.22
CA SER B 48 10.71 22.45 16.43
C SER B 48 12.22 22.30 16.23
N LYS B 49 12.80 21.30 16.89
CA LYS B 49 14.24 21.05 16.79
C LYS B 49 14.50 19.69 16.14
N TYR B 50 15.42 19.66 15.20
CA TYR B 50 15.76 18.43 14.48
C TYR B 50 17.19 18.01 14.76
N THR B 51 17.37 16.78 15.23
CA THR B 51 18.71 16.26 15.50
C THR B 51 18.90 14.94 14.75
N GLY B 52 19.89 14.90 13.87
CA GLY B 52 20.13 13.69 13.11
C GLY B 52 21.38 12.97 13.56
N ILE B 53 21.35 11.64 13.51
CA ILE B 53 22.49 10.82 13.92
C ILE B 53 22.94 9.96 12.75
N ASP B 54 24.24 9.96 12.46
CA ASP B 54 24.75 9.14 11.38
C ASP B 54 26.26 8.94 11.52
N SER B 55 26.75 7.84 10.96
CA SER B 55 28.18 7.53 11.03
C SER B 55 28.95 8.04 9.82
N GLY B 56 28.22 8.36 8.75
CA GLY B 56 28.87 8.86 7.55
C GLY B 56 29.29 10.32 7.67
N GLU B 57 30.59 10.53 7.78
CA GLU B 57 31.15 11.89 7.90
C GLU B 57 30.75 12.76 6.72
N THR B 58 30.93 12.25 5.51
CA THR B 58 30.59 12.98 4.30
C THR B 58 29.09 13.29 4.28
N LEU B 59 28.29 12.30 4.67
CA LEU B 59 26.84 12.48 4.71
C LEU B 59 26.47 13.67 5.59
N LEU B 60 27.03 13.68 6.81
CA LEU B 60 26.72 14.76 7.74
C LEU B 60 27.20 16.12 7.21
N ALA B 61 28.28 16.10 6.42
CA ALA B 61 28.80 17.33 5.85
C ALA B 61 27.76 17.90 4.87
N GLU B 62 27.17 17.02 4.07
CA GLU B 62 26.18 17.45 3.11
C GLU B 62 24.93 17.92 3.83
N ALA B 63 24.53 17.17 4.85
CA ALA B 63 23.35 17.51 5.64
C ALA B 63 23.47 18.92 6.23
N ARG B 64 24.62 19.18 6.86
CA ARG B 64 24.86 20.48 7.48
C ARG B 64 24.79 21.61 6.47
N GLU B 65 25.39 21.40 5.30
CA GLU B 65 25.38 22.42 4.26
C GLU B 65 23.97 22.60 3.72
N LEU B 66 23.24 21.50 3.64
CA LEU B 66 21.88 21.52 3.15
C LEU B 66 20.95 22.28 4.10
N PHE B 67 21.04 21.98 5.39
CA PHE B 67 20.19 22.63 6.39
C PHE B 67 20.67 24.01 6.82
N ARG B 68 21.88 24.37 6.40
CA ARG B 68 22.45 25.66 6.74
C ARG B 68 21.61 26.75 6.07
N LEU B 69 21.13 26.46 4.87
CA LEU B 69 20.32 27.39 4.08
C LEU B 69 18.86 27.43 4.53
N LEU B 70 18.45 26.46 5.34
CA LEU B 70 17.07 26.39 5.80
C LEU B 70 16.81 27.10 7.12
N PRO B 71 15.56 27.55 7.31
CA PRO B 71 15.14 28.26 8.53
C PRO B 71 14.72 27.31 9.64
N TYR B 72 15.31 26.12 9.68
CA TYR B 72 14.97 25.15 10.71
C TYR B 72 16.16 24.87 11.61
N ASP B 73 15.92 24.81 12.92
CA ASP B 73 16.97 24.51 13.88
C ASP B 73 17.34 23.05 13.72
N SER B 74 18.55 22.81 13.23
CA SER B 74 19.00 21.44 13.01
C SER B 74 20.46 21.20 13.40
N GLU B 75 20.72 20.03 13.97
CA GLU B 75 22.06 19.65 14.38
C GLU B 75 22.30 18.20 14.00
N PHE B 76 23.53 17.86 13.66
CA PHE B 76 23.88 16.50 13.28
C PHE B 76 25.00 15.96 14.13
N LEU B 77 24.80 14.76 14.66
CA LEU B 77 25.78 14.11 15.50
C LEU B 77 26.42 12.98 14.71
N GLU B 78 27.73 12.87 14.79
CA GLU B 78 28.46 11.82 14.10
C GLU B 78 28.80 10.74 15.11
N GLY B 79 28.40 9.50 14.81
CA GLY B 79 28.67 8.39 15.71
C GLY B 79 27.85 7.15 15.37
N ASP B 80 28.22 6.02 15.97
CA ASP B 80 27.53 4.75 15.77
C ASP B 80 26.23 4.77 16.57
N ALA B 81 25.10 4.75 15.87
CA ALA B 81 23.79 4.79 16.51
C ALA B 81 23.55 3.62 17.46
N THR B 82 24.30 2.54 17.27
CA THR B 82 24.12 1.38 18.14
C THR B 82 24.91 1.51 19.44
N GLU B 83 25.72 2.56 19.55
CA GLU B 83 26.51 2.76 20.76
C GLU B 83 26.44 4.17 21.31
N ILE B 84 26.09 5.12 20.46
CA ILE B 84 25.99 6.51 20.88
C ILE B 84 25.14 6.67 22.14
N GLU B 85 25.61 7.48 23.09
CA GLU B 85 24.84 7.69 24.31
C GLU B 85 24.32 9.12 24.36
N LEU B 86 23.01 9.28 24.22
CA LEU B 86 22.42 10.60 24.25
C LEU B 86 22.19 11.08 25.68
N ASN B 87 22.28 12.38 25.91
CA ASN B 87 22.07 12.92 27.25
C ASN B 87 20.67 13.49 27.39
N ASP B 88 19.99 13.74 26.28
CA ASP B 88 18.64 14.30 26.32
C ASP B 88 17.54 13.30 25.98
N LYS B 89 16.31 13.69 26.31
CA LYS B 89 15.14 12.88 26.02
C LYS B 89 14.37 13.67 25.00
N TYR B 90 13.96 13.00 23.92
CA TYR B 90 13.25 13.65 22.83
C TYR B 90 11.76 13.40 22.83
N ASP B 91 11.01 14.27 22.17
CA ASP B 91 9.57 14.14 22.10
C ASP B 91 9.22 13.04 21.11
N ILE B 92 10.01 12.93 20.05
CA ILE B 92 9.77 11.93 19.03
C ILE B 92 11.10 11.37 18.54
N ALA B 93 11.18 10.06 18.41
CA ALA B 93 12.38 9.42 17.88
C ALA B 93 11.89 8.87 16.54
N ILE B 94 12.62 9.12 15.45
CA ILE B 94 12.22 8.63 14.14
C ILE B 94 13.40 8.08 13.33
N CYS B 95 13.09 7.42 12.22
CA CYS B 95 14.11 6.90 11.34
C CYS B 95 13.44 6.60 10.00
N HIS B 96 14.23 6.64 8.93
CA HIS B 96 13.71 6.37 7.59
C HIS B 96 14.67 5.44 6.88
N ALA B 97 14.18 4.27 6.50
CA ALA B 97 14.95 3.25 5.80
C ALA B 97 16.28 3.04 6.51
N PHE B 98 16.19 2.84 7.82
CA PHE B 98 17.37 2.66 8.65
C PHE B 98 17.44 1.28 9.28
N LEU B 99 16.36 0.88 9.93
CA LEU B 99 16.31 -0.40 10.61
C LEU B 99 16.55 -1.63 9.74
N LEU B 100 16.26 -1.53 8.44
CA LEU B 100 16.46 -2.66 7.54
C LEU B 100 17.95 -2.99 7.37
N HIS B 101 18.82 -2.09 7.79
CA HIS B 101 20.27 -2.30 7.68
C HIS B 101 20.86 -2.82 8.99
N MSE B 102 20.04 -2.89 10.03
CA MSE B 102 20.47 -3.38 11.34
C MSE B 102 20.41 -4.90 11.39
O MSE B 102 19.43 -5.50 10.94
CB MSE B 102 19.57 -2.81 12.43
CG MSE B 102 19.60 -1.31 12.56
SE MSE B 102 21.32 -0.66 13.20
CE MSE B 102 22.12 -0.20 11.50
N THR B 103 21.44 -5.52 11.94
CA THR B 103 21.49 -6.97 12.07
C THR B 103 20.59 -7.40 13.23
N THR B 104 20.40 -6.49 14.19
CA THR B 104 19.55 -6.77 15.34
C THR B 104 18.58 -5.61 15.52
N PRO B 105 17.56 -5.50 14.65
CA PRO B 105 16.54 -4.46 14.67
C PRO B 105 15.89 -4.17 16.02
N GLU B 106 15.45 -5.23 16.70
CA GLU B 106 14.79 -5.06 18.01
C GLU B 106 15.64 -4.27 18.99
N THR B 107 16.93 -4.58 19.06
CA THR B 107 17.83 -3.89 19.98
C THR B 107 17.94 -2.40 19.67
N MSE B 108 18.14 -2.07 18.40
CA MSE B 108 18.24 -0.68 17.97
C MSE B 108 16.92 0.04 18.29
O MSE B 108 16.92 1.20 18.70
CB MSE B 108 18.54 -0.60 16.47
CG MSE B 108 18.81 0.79 15.96
SE MSE B 108 20.37 1.62 16.80
CE MSE B 108 19.50 3.03 17.80
N LEU B 109 15.79 -0.64 18.08
CA LEU B 109 14.49 -0.03 18.37
C LEU B 109 14.40 0.26 19.87
N GLN B 110 14.90 -0.69 20.67
CA GLN B 110 14.93 -0.55 22.13
C GLN B 110 15.69 0.71 22.50
N LYS B 111 16.86 0.91 21.90
CA LYS B 111 17.67 2.09 22.16
C LYS B 111 16.93 3.37 21.76
N MSE B 112 16.26 3.34 20.60
CA MSE B 112 15.51 4.52 20.14
C MSE B 112 14.44 4.87 21.17
O MSE B 112 14.26 6.03 21.51
CB MSE B 112 14.86 4.25 18.78
CG MSE B 112 15.87 4.12 17.63
SE MSE B 112 15.07 3.66 15.90
CE MSE B 112 13.81 5.14 15.70
N ILE B 113 13.75 3.86 21.66
CA ILE B 113 12.69 4.05 22.66
C ILE B 113 13.23 4.70 23.93
N HIS B 114 14.38 4.23 24.39
CA HIS B 114 14.99 4.76 25.60
C HIS B 114 15.33 6.24 25.47
N SER B 115 15.52 6.72 24.24
CA SER B 115 15.85 8.11 24.02
C SER B 115 14.60 8.99 23.96
N VAL B 116 13.43 8.37 24.13
CA VAL B 116 12.18 9.11 24.07
C VAL B 116 11.61 9.36 25.47
N LYS B 117 11.16 10.58 25.71
CA LYS B 117 10.59 10.92 27.01
C LYS B 117 9.22 10.30 27.19
N LYS B 118 8.81 10.09 28.44
CA LYS B 118 7.50 9.52 28.73
C LYS B 118 6.43 10.36 28.05
N GLY B 119 5.51 9.68 27.36
CA GLY B 119 4.45 10.39 26.67
C GLY B 119 4.92 10.77 25.27
N GLY B 120 6.17 10.45 24.96
CA GLY B 120 6.72 10.77 23.65
C GLY B 120 6.28 9.77 22.59
N LYS B 121 6.74 9.98 21.35
CA LYS B 121 6.38 9.10 20.26
C LYS B 121 7.59 8.51 19.54
N ILE B 122 7.36 7.40 18.85
CA ILE B 122 8.40 6.79 18.04
C ILE B 122 7.75 6.53 16.68
N ILE B 123 8.38 7.01 15.61
CA ILE B 123 7.86 6.85 14.26
C ILE B 123 8.93 6.22 13.39
N CYS B 124 8.61 5.11 12.75
CA CYS B 124 9.57 4.43 11.88
C CYS B 124 9.01 4.37 10.46
N PHE B 125 9.82 4.81 9.50
CA PHE B 125 9.45 4.77 8.08
C PHE B 125 10.35 3.69 7.51
N GLU B 126 9.79 2.50 7.32
CA GLU B 126 10.58 1.40 6.79
C GLU B 126 9.91 0.74 5.60
N PRO B 127 10.71 0.20 4.69
CA PRO B 127 10.16 -0.45 3.51
C PRO B 127 9.69 -1.88 3.70
N HIS B 128 8.96 -2.36 2.71
CA HIS B 128 8.46 -3.72 2.70
C HIS B 128 8.66 -4.15 1.26
N TRP B 129 9.91 -4.47 0.93
CA TRP B 129 10.28 -4.85 -0.41
C TRP B 129 9.32 -5.76 -1.15
N ILE B 130 8.87 -6.84 -0.50
CA ILE B 130 7.98 -7.78 -1.18
C ILE B 130 6.68 -7.13 -1.66
N SER B 131 6.04 -6.29 -0.83
CA SER B 131 4.81 -5.63 -1.25
C SER B 131 5.16 -4.53 -2.27
N ASN B 132 6.34 -3.96 -2.13
CA ASN B 132 6.83 -2.94 -3.07
C ASN B 132 6.93 -3.61 -4.46
N MSE B 133 7.63 -4.74 -4.54
CA MSE B 133 7.79 -5.46 -5.81
C MSE B 133 6.47 -5.94 -6.42
O MSE B 133 6.29 -5.93 -7.65
CB MSE B 133 8.73 -6.66 -5.64
CG MSE B 133 10.19 -6.30 -5.31
SE MSE B 133 10.96 -5.08 -6.61
CE MSE B 133 10.93 -6.24 -8.15
N ALA B 134 5.54 -6.36 -5.58
CA ALA B 134 4.24 -6.85 -6.06
C ALA B 134 3.40 -5.67 -6.55
N SER B 135 3.81 -4.45 -6.20
CA SER B 135 3.08 -3.25 -6.59
C SER B 135 3.60 -2.63 -7.88
N TYR B 136 3.67 -3.46 -8.93
CA TYR B 136 4.15 -3.00 -10.24
C TYR B 136 3.18 -3.45 -11.31
N LEU B 137 2.90 -2.53 -12.23
CA LEU B 137 2.01 -2.80 -13.34
C LEU B 137 2.64 -2.11 -14.55
N LEU B 138 2.96 -2.89 -15.57
CA LEU B 138 3.56 -2.38 -16.79
C LEU B 138 2.63 -2.70 -17.94
N ASP B 139 2.08 -1.67 -18.59
CA ASP B 139 1.16 -1.91 -19.70
C ASP B 139 1.87 -2.65 -20.83
N GLY B 140 1.24 -3.72 -21.32
CA GLY B 140 1.79 -4.50 -22.41
C GLY B 140 2.67 -5.66 -21.97
N GLU B 141 2.80 -5.84 -20.67
CA GLU B 141 3.63 -6.91 -20.13
C GLU B 141 3.00 -7.55 -18.91
N LYS B 142 3.11 -8.87 -18.79
CA LYS B 142 2.57 -9.58 -17.65
C LYS B 142 3.57 -9.44 -16.52
N GLN B 143 3.10 -9.05 -15.34
CA GLN B 143 3.98 -8.86 -14.21
C GLN B 143 4.95 -10.02 -13.98
N SER B 144 4.47 -11.26 -14.08
CA SER B 144 5.32 -12.44 -13.90
C SER B 144 6.45 -12.53 -14.93
N GLU B 145 6.34 -11.75 -16.01
CA GLU B 145 7.37 -11.74 -17.06
C GLU B 145 8.61 -10.96 -16.65
N PHE B 146 8.43 -9.90 -15.86
CA PHE B 146 9.58 -9.10 -15.46
C PHE B 146 9.81 -9.03 -13.97
N ILE B 147 8.98 -9.75 -13.21
CA ILE B 147 9.10 -9.80 -11.76
C ILE B 147 8.67 -11.17 -11.23
N GLN B 148 9.62 -11.94 -10.70
CA GLN B 148 9.33 -13.26 -10.16
C GLN B 148 9.11 -13.14 -8.65
N LEU B 149 7.87 -12.88 -8.25
CA LEU B 149 7.55 -12.73 -6.83
C LEU B 149 7.92 -13.95 -6.00
N GLY B 150 7.74 -15.14 -6.58
CA GLY B 150 8.08 -16.35 -5.87
C GLY B 150 9.55 -16.40 -5.52
N VAL B 151 10.41 -16.10 -6.50
CA VAL B 151 11.85 -16.10 -6.28
C VAL B 151 12.24 -15.01 -5.28
N LEU B 152 11.74 -13.79 -5.50
CA LEU B 152 12.02 -12.65 -4.63
C LEU B 152 11.62 -12.95 -3.20
N GLN B 153 10.46 -13.57 -3.05
CA GLN B 153 9.95 -13.93 -1.74
C GLN B 153 10.98 -14.80 -1.01
N LYS B 154 11.46 -15.86 -1.68
CA LYS B 154 12.47 -16.74 -1.07
C LYS B 154 13.79 -16.01 -0.84
N LEU B 155 14.21 -15.23 -1.83
CA LEU B 155 15.45 -14.49 -1.76
C LEU B 155 15.52 -13.54 -0.56
N PHE B 156 14.51 -12.69 -0.38
CA PHE B 156 14.54 -11.77 0.75
C PHE B 156 14.49 -12.49 2.10
N GLU B 157 13.80 -13.63 2.16
CA GLU B 157 13.71 -14.38 3.40
C GLU B 157 15.08 -15.00 3.72
N SER B 158 15.79 -15.43 2.69
CA SER B 158 17.11 -16.04 2.88
C SER B 158 18.11 -15.03 3.43
N ASP B 159 18.20 -13.87 2.78
CA ASP B 159 19.12 -12.83 3.22
C ASP B 159 18.89 -12.49 4.69
N THR B 160 17.63 -12.36 5.10
CA THR B 160 17.31 -12.04 6.48
C THR B 160 17.81 -13.12 7.43
N GLN B 161 17.66 -14.37 7.03
CA GLN B 161 18.10 -15.50 7.84
C GLN B 161 19.63 -15.51 7.98
N ARG B 162 20.32 -14.91 7.01
CA ARG B 162 21.78 -14.86 7.06
C ARG B 162 22.31 -13.76 7.97
N ASN B 163 22.61 -12.61 7.37
CA ASN B 163 23.15 -11.47 8.11
C ASN B 163 22.20 -10.85 9.12
N GLY B 164 20.90 -10.92 8.84
CA GLY B 164 19.92 -10.33 9.76
C GLY B 164 19.20 -9.11 9.19
N LYS B 165 19.76 -8.52 8.14
CA LYS B 165 19.16 -7.35 7.49
C LYS B 165 17.81 -7.75 6.91
N ASP B 166 16.76 -7.04 7.32
CA ASP B 166 15.42 -7.34 6.87
C ASP B 166 14.84 -6.30 5.93
N GLY B 167 14.72 -6.65 4.66
CA GLY B 167 14.16 -5.73 3.68
C GLY B 167 12.65 -5.60 3.81
N ASN B 168 12.05 -6.53 4.56
CA ASN B 168 10.61 -6.51 4.78
C ASN B 168 10.29 -6.10 6.21
N ILE B 169 11.26 -5.52 6.88
CA ILE B 169 11.07 -5.12 8.27
C ILE B 169 9.91 -4.13 8.50
N GLY B 170 9.53 -3.37 7.48
CA GLY B 170 8.45 -2.40 7.62
C GLY B 170 7.16 -2.94 8.22
N MSE B 171 6.83 -4.18 7.94
CA MSE B 171 5.61 -4.78 8.45
C MSE B 171 5.82 -5.46 9.80
O MSE B 171 4.85 -5.86 10.45
CB MSE B 171 5.07 -5.79 7.44
CG MSE B 171 4.54 -5.13 6.20
SE MSE B 171 2.61 -4.93 6.24
CE MSE B 171 2.26 -6.57 5.32
N LYS B 172 7.08 -5.58 10.22
CA LYS B 172 7.39 -6.21 11.51
C LYS B 172 7.55 -5.18 12.64
N ILE B 173 7.79 -3.93 12.28
CA ILE B 173 7.95 -2.90 13.29
C ILE B 173 6.82 -2.92 14.32
N PRO B 174 5.55 -3.04 13.86
CA PRO B 174 4.47 -3.06 14.85
C PRO B 174 4.67 -4.16 15.91
N ILE B 175 5.08 -5.34 15.47
CA ILE B 175 5.32 -6.45 16.38
C ILE B 175 6.48 -6.18 17.34
N TYR B 176 7.59 -5.64 16.82
CA TYR B 176 8.74 -5.31 17.66
C TYR B 176 8.33 -4.26 18.68
N LEU B 177 7.57 -3.27 18.23
CA LEU B 177 7.12 -2.22 19.12
C LEU B 177 6.20 -2.79 20.20
N SER B 178 5.39 -3.77 19.84
CA SER B 178 4.47 -4.39 20.78
C SER B 178 5.24 -5.12 21.88
N GLU B 179 6.20 -5.95 21.48
CA GLU B 179 6.99 -6.71 22.44
C GLU B 179 7.74 -5.75 23.38
N LEU B 180 8.17 -4.59 22.85
CA LEU B 180 8.90 -3.61 23.66
C LEU B 180 8.02 -2.78 24.56
N GLY B 181 6.73 -3.10 24.61
CA GLY B 181 5.84 -2.36 25.49
C GLY B 181 5.31 -1.02 25.01
N VAL B 182 5.43 -0.71 23.73
CA VAL B 182 4.94 0.56 23.21
C VAL B 182 3.40 0.54 23.19
N LYS B 183 2.79 1.70 23.41
CA LYS B 183 1.32 1.81 23.45
C LYS B 183 0.72 2.52 22.23
N ASN B 184 -0.55 2.26 21.95
CA ASN B 184 -1.26 2.88 20.84
C ASN B 184 -0.54 2.71 19.50
N ILE B 185 -0.05 1.49 19.28
CA ILE B 185 0.66 1.17 18.05
C ILE B 185 -0.26 1.22 16.85
N GLU B 186 0.22 1.81 15.77
CA GLU B 186 -0.57 1.89 14.55
C GLU B 186 0.36 1.99 13.35
N CYS B 187 0.05 1.25 12.31
CA CYS B 187 0.86 1.26 11.11
C CYS B 187 0.03 1.83 9.95
N ARG B 188 0.69 2.54 9.04
CA ARG B 188 0.00 3.10 7.90
C ARG B 188 0.84 2.95 6.65
N VAL B 189 0.19 2.71 5.52
CA VAL B 189 0.94 2.55 4.28
C VAL B 189 0.94 3.90 3.57
N SER B 190 2.10 4.39 3.16
CA SER B 190 2.13 5.65 2.45
C SER B 190 1.14 5.45 1.30
N ASP B 191 0.31 6.45 1.01
CA ASP B 191 -0.70 6.33 -0.04
C ASP B 191 -0.17 6.62 -1.44
N LYS B 192 1.13 6.86 -1.53
CA LYS B 192 1.78 7.21 -2.77
C LYS B 192 1.74 6.15 -3.87
N VAL B 193 1.38 6.61 -5.07
CA VAL B 193 1.33 5.76 -6.25
C VAL B 193 1.93 6.56 -7.41
N ASN B 194 2.97 6.03 -8.03
CA ASN B 194 3.59 6.72 -9.16
C ASN B 194 2.94 6.22 -10.43
N PHE B 195 2.63 7.14 -11.33
CA PHE B 195 2.01 6.77 -12.60
C PHE B 195 2.71 7.44 -13.77
N LEU B 196 3.55 6.67 -14.46
CA LEU B 196 4.25 7.15 -15.65
C LEU B 196 3.18 6.94 -16.71
N ASP B 197 2.58 8.05 -17.14
CA ASP B 197 1.47 8.03 -18.10
C ASP B 197 1.88 8.18 -19.55
N SER B 198 1.73 7.09 -20.31
CA SER B 198 2.08 7.09 -21.71
C SER B 198 1.32 8.11 -22.56
N ASN B 199 0.24 8.68 -22.02
CA ASN B 199 -0.54 9.68 -22.75
C ASN B 199 -0.35 11.08 -22.19
N MSE B 200 0.53 11.20 -21.21
CA MSE B 200 0.81 12.51 -20.65
C MSE B 200 2.09 12.98 -21.32
O MSE B 200 3.13 12.32 -21.23
CB MSE B 200 1.03 12.43 -19.14
CG MSE B 200 1.37 13.78 -18.52
SE MSE B 200 1.89 13.65 -16.65
CE MSE B 200 0.14 13.67 -15.83
N HIS B 201 2.02 14.10 -22.03
CA HIS B 201 3.19 14.62 -22.71
C HIS B 201 3.47 15.99 -22.12
N HIS B 202 4.37 16.02 -21.15
CA HIS B 202 4.70 17.24 -20.44
C HIS B 202 6.03 16.99 -19.74
N ASN B 203 6.71 18.07 -19.38
CA ASN B 203 8.00 17.98 -18.69
C ASN B 203 7.89 17.17 -17.39
N ASP B 204 6.74 17.22 -16.74
CA ASP B 204 6.58 16.48 -15.49
C ASP B 204 6.67 14.98 -15.72
N LYS B 205 6.15 14.52 -16.85
CA LYS B 205 6.20 13.10 -17.16
C LYS B 205 7.66 12.70 -17.37
N ASN B 206 8.42 13.56 -18.05
CA ASN B 206 9.83 13.29 -18.31
C ASN B 206 10.61 13.28 -16.99
N ASP B 207 10.27 14.18 -16.08
CA ASP B 207 10.96 14.22 -14.79
C ASP B 207 10.68 12.97 -13.97
N LEU B 208 9.45 12.47 -14.04
CA LEU B 208 9.12 11.27 -13.28
C LEU B 208 9.95 10.10 -13.78
N TYR B 209 10.13 10.00 -15.09
CA TYR B 209 10.90 8.91 -15.67
C TYR B 209 12.34 8.97 -15.18
N GLN B 210 12.90 10.17 -15.16
CA GLN B 210 14.25 10.38 -14.69
C GLN B 210 14.37 9.90 -13.22
N SER B 211 13.43 10.28 -12.38
CA SER B 211 13.45 9.87 -10.97
C SER B 211 13.40 8.35 -10.85
N LEU B 212 12.52 7.74 -11.62
CA LEU B 212 12.39 6.29 -11.62
C LEU B 212 13.73 5.64 -11.94
N LYS B 213 14.39 6.10 -13.00
CA LYS B 213 15.67 5.52 -13.39
C LYS B 213 16.77 5.79 -12.37
N GLU B 214 16.80 7.00 -11.81
CA GLU B 214 17.81 7.35 -10.83
C GLU B 214 17.65 6.46 -9.59
N GLU B 215 16.44 5.96 -9.37
CA GLU B 215 16.18 5.08 -8.24
C GLU B 215 16.63 3.66 -8.52
N GLY B 216 17.01 3.39 -9.76
CA GLY B 216 17.46 2.06 -10.12
C GLY B 216 16.36 1.15 -10.63
N ILE B 217 15.17 1.68 -10.87
CA ILE B 217 14.07 0.86 -11.37
C ILE B 217 14.43 0.30 -12.76
N ALA B 218 14.22 -1.00 -12.94
CA ALA B 218 14.51 -1.66 -14.21
C ALA B 218 15.94 -1.43 -14.70
N GLY B 219 16.91 -1.61 -13.81
CA GLY B 219 18.29 -1.42 -14.18
C GLY B 219 18.85 -2.64 -14.88
N ASP B 220 19.93 -2.45 -15.64
CA ASP B 220 20.58 -3.53 -16.37
C ASP B 220 21.10 -4.58 -15.39
N PRO B 221 20.72 -5.86 -15.57
CA PRO B 221 21.18 -6.91 -14.66
C PRO B 221 22.68 -7.18 -14.79
N GLY B 222 23.26 -6.78 -15.92
CA GLY B 222 24.69 -6.97 -16.14
C GLY B 222 25.05 -8.35 -16.68
N ASP B 223 26.25 -8.80 -16.34
CA ASP B 223 26.74 -10.10 -16.79
C ASP B 223 25.86 -11.22 -16.24
N LYS B 224 25.37 -12.06 -17.14
CA LYS B 224 24.50 -13.17 -16.76
C LYS B 224 25.12 -14.12 -15.74
N GLN B 225 26.33 -14.59 -16.03
CA GLN B 225 27.01 -15.52 -15.14
C GLN B 225 27.24 -14.96 -13.74
N GLN B 226 27.75 -13.74 -13.65
CA GLN B 226 27.99 -13.12 -12.35
C GLN B 226 26.69 -12.95 -11.58
N PHE B 227 25.62 -12.66 -12.30
CA PHE B 227 24.31 -12.47 -11.68
C PHE B 227 23.79 -13.76 -11.06
N VAL B 228 23.74 -14.82 -11.86
CA VAL B 228 23.26 -16.11 -11.38
C VAL B 228 24.08 -16.60 -10.19
N GLU B 229 25.40 -16.53 -10.31
CA GLU B 229 26.28 -16.98 -9.24
C GLU B 229 26.08 -16.15 -7.97
N ARG B 230 25.85 -14.86 -8.16
CA ARG B 230 25.65 -13.96 -7.02
C ARG B 230 24.39 -14.32 -6.24
N LEU B 231 23.32 -14.67 -6.96
CA LEU B 231 22.06 -15.04 -6.32
C LEU B 231 22.13 -16.42 -5.68
N ILE B 232 22.76 -17.36 -6.39
CA ILE B 232 22.90 -18.72 -5.87
C ILE B 232 23.63 -18.66 -4.53
N ALA B 233 24.59 -17.76 -4.43
CA ALA B 233 25.36 -17.60 -3.21
C ALA B 233 24.54 -16.98 -2.09
N ARG B 234 23.33 -16.51 -2.43
CA ARG B 234 22.46 -15.89 -1.45
C ARG B 234 21.34 -16.82 -0.98
N GLY B 235 21.37 -18.06 -1.46
CA GLY B 235 20.37 -19.02 -1.06
C GLY B 235 19.35 -19.44 -2.08
N LEU B 236 19.64 -19.25 -3.36
CA LEU B 236 18.70 -19.62 -4.41
C LEU B 236 19.26 -20.71 -5.31
N THR B 237 18.37 -21.48 -5.92
CA THR B 237 18.79 -22.54 -6.82
C THR B 237 19.19 -21.92 -8.15
N TYR B 238 19.64 -22.74 -9.09
CA TYR B 238 20.04 -22.23 -10.39
C TYR B 238 18.84 -21.81 -11.23
N ASP B 239 17.78 -22.60 -11.23
CA ASP B 239 16.59 -22.26 -12.01
C ASP B 239 15.87 -21.02 -11.49
N ASN B 240 16.13 -20.67 -10.23
CA ASN B 240 15.53 -19.49 -9.62
C ASN B 240 16.32 -18.26 -10.01
N ALA B 241 17.64 -18.35 -9.86
CA ALA B 241 18.52 -17.23 -10.20
C ALA B 241 18.41 -16.91 -11.68
N LEU B 242 18.20 -17.93 -12.51
CA LEU B 242 18.10 -17.73 -13.94
C LEU B 242 16.79 -17.02 -14.25
N ALA B 243 15.70 -17.51 -13.68
CA ALA B 243 14.38 -16.91 -13.89
C ALA B 243 14.41 -15.46 -13.45
N GLN B 244 15.14 -15.19 -12.38
CA GLN B 244 15.26 -13.84 -11.85
C GLN B 244 16.01 -12.96 -12.84
N TYR B 245 17.10 -13.50 -13.39
CA TYR B 245 17.91 -12.77 -14.36
C TYR B 245 17.10 -12.41 -15.58
N GLU B 246 16.46 -13.41 -16.18
CA GLU B 246 15.64 -13.17 -17.37
C GLU B 246 14.50 -12.22 -17.05
N ALA B 247 14.04 -12.25 -15.80
CA ALA B 247 12.96 -11.36 -15.39
C ALA B 247 13.48 -9.93 -15.40
N GLU B 248 14.62 -9.70 -14.75
CA GLU B 248 15.22 -8.36 -14.69
C GLU B 248 15.65 -7.85 -16.06
N LEU B 249 16.09 -8.76 -16.92
CA LEU B 249 16.52 -8.39 -18.25
C LEU B 249 15.31 -7.90 -19.05
N ARG B 250 14.19 -8.60 -18.89
CA ARG B 250 12.94 -8.24 -19.57
C ARG B 250 12.48 -6.85 -19.15
N PHE B 251 12.58 -6.56 -17.86
CA PHE B 251 12.14 -5.27 -17.34
C PHE B 251 13.04 -4.16 -17.85
N PHE B 252 14.34 -4.46 -17.94
CA PHE B 252 15.30 -3.49 -18.43
C PHE B 252 15.00 -3.12 -19.89
N LYS B 253 14.60 -4.10 -20.68
CA LYS B 253 14.32 -3.87 -22.08
C LYS B 253 12.91 -3.36 -22.35
N ALA B 254 11.98 -3.65 -21.45
CA ALA B 254 10.60 -3.24 -21.63
C ALA B 254 10.29 -1.82 -21.18
N LEU B 255 10.88 -1.39 -20.07
CA LEU B 255 10.60 -0.05 -19.56
C LEU B 255 11.33 1.08 -20.27
N HIS B 256 10.58 2.09 -20.71
CA HIS B 256 11.17 3.24 -21.34
C HIS B 256 10.27 4.45 -21.17
N LEU B 257 10.77 5.60 -21.58
CA LEU B 257 10.03 6.86 -21.44
C LEU B 257 8.59 6.83 -21.96
N HIS B 258 8.36 6.08 -23.02
CA HIS B 258 7.02 5.98 -23.63
C HIS B 258 6.09 4.97 -22.95
N SER B 259 6.61 4.24 -21.97
CA SER B 259 5.80 3.22 -21.28
C SER B 259 4.75 3.75 -20.32
N SER B 260 3.81 2.89 -19.95
CA SER B 260 2.81 3.25 -18.95
C SER B 260 3.15 2.34 -17.77
N LEU B 261 3.58 2.94 -16.66
CA LEU B 261 3.95 2.20 -15.46
C LEU B 261 3.24 2.75 -14.23
N VAL B 262 2.71 1.86 -13.40
CA VAL B 262 2.06 2.27 -12.16
C VAL B 262 2.83 1.54 -11.07
N TYR B 263 3.25 2.31 -10.07
CA TYR B 263 4.09 1.78 -8.99
C TYR B 263 3.77 2.40 -7.62
N ALA B 264 3.46 1.57 -6.63
CA ALA B 264 3.19 2.04 -5.27
C ALA B 264 4.29 1.49 -4.36
N PRO B 265 5.29 2.32 -4.02
CA PRO B 265 6.41 1.90 -3.17
C PRO B 265 6.03 1.15 -1.89
N ASN B 266 4.81 1.37 -1.42
CA ASN B 266 4.34 0.67 -0.24
C ASN B 266 5.19 0.85 1.02
N MSE B 267 5.72 2.05 1.19
CA MSE B 267 6.53 2.33 2.36
C MSE B 267 5.64 2.14 3.61
O MSE B 267 4.45 2.49 3.58
CB MSE B 267 7.02 3.76 2.27
CG MSE B 267 8.40 3.97 2.79
SE MSE B 267 9.80 3.00 1.84
CE MSE B 267 11.16 3.40 3.14
N LYS B 268 6.19 1.59 4.67
CA LYS B 268 5.42 1.35 5.91
C LYS B 268 5.76 2.31 7.02
N ILE B 269 4.75 3.02 7.52
CA ILE B 269 4.95 4.00 8.58
C ILE B 269 4.35 3.52 9.90
N THR B 270 5.21 3.06 10.80
CA THR B 270 4.75 2.55 12.07
C THR B 270 5.06 3.50 13.20
N PHE B 271 4.08 3.70 14.06
CA PHE B 271 4.26 4.59 15.18
C PHE B 271 3.52 4.10 16.39
N GLY B 272 3.98 4.56 17.53
CA GLY B 272 3.37 4.18 18.78
C GLY B 272 3.77 5.20 19.81
N GLU B 273 3.35 4.96 21.04
CA GLU B 273 3.66 5.91 22.11
C GLU B 273 4.35 5.19 23.26
N ILE B 274 5.22 5.96 23.94
CA ILE B 274 5.98 5.50 25.09
C ILE B 274 5.15 5.74 26.35
N GLU B 275 4.81 4.65 27.05
CA GLU B 275 3.99 4.73 28.26
C GLU B 275 4.52 5.73 29.30
N CYS B 276 3.64 6.61 29.76
CA CYS B 276 4.00 7.61 30.75
C CYS B 276 3.23 7.41 32.06
C ACT C . -31.21 8.63 -14.12
O ACT C . -32.05 8.29 -15.13
OXT ACT C . -30.12 9.29 -13.96
CH3 ACT C . -31.65 8.12 -12.82
N SAH D . -19.86 -1.61 -3.78
CA SAH D . -20.14 -2.98 -3.34
CB SAH D . -19.76 -3.95 -4.48
CG SAH D . -20.00 -5.44 -4.19
SD SAH D . -19.47 -6.73 -5.34
C SAH D . -19.31 -3.30 -2.05
O SAH D . -18.11 -2.88 -2.04
OXT SAH D . -19.84 -3.94 -1.10
C5' SAH D . -20.02 -5.94 -6.92
C4' SAH D . -21.51 -5.88 -7.21
O4' SAH D . -21.60 -5.92 -8.63
C3' SAH D . -22.38 -7.05 -6.59
O3' SAH D . -23.23 -6.52 -5.51
C2' SAH D . -23.18 -7.61 -7.78
O2' SAH D . -24.62 -7.48 -7.67
C1' SAH D . -22.57 -6.93 -9.02
N9 SAH D . -22.68 -6.90 -10.47
C8 SAH D . -21.98 -7.70 -11.41
N7 SAH D . -22.36 -7.39 -12.65
C5 SAH D . -23.29 -6.36 -12.53
C6 SAH D . -24.11 -5.57 -13.45
N6 SAH D . -24.04 -5.72 -14.78
N1 SAH D . -24.97 -4.59 -12.96
C2 SAH D . -25.06 -4.42 -11.64
N3 SAH D . -24.39 -5.07 -10.70
C4 SAH D . -23.53 -6.05 -11.18
C ACT E . 22.12 14.55 23.29
O ACT E . 23.24 14.28 24.03
OXT ACT E . 20.85 14.28 23.31
CH3 ACT E . 22.40 15.40 22.14
N SAH F . 17.06 8.71 6.48
CA SAH F . 18.02 8.43 5.41
CB SAH F . 18.60 7.02 5.63
CG SAH F . 19.65 6.57 4.60
SD SAH F . 20.22 4.85 4.54
C SAH F . 17.31 8.52 4.02
O SAH F . 16.15 8.02 3.93
OXT SAH F . 17.91 9.07 3.05
C5' SAH F . 20.54 4.59 6.34
C4' SAH F . 21.70 5.34 6.98
O4' SAH F . 22.12 4.51 8.07
C3' SAH F . 22.94 5.63 6.04
O3' SAH F . 23.01 7.08 5.77
C2' SAH F . 24.15 5.07 6.78
O2' SAH F . 25.18 6.04 7.12
C1' SAH F . 23.55 4.32 7.99
N9 SAH F . 23.96 3.51 9.13
C8 SAH F . 24.09 2.10 9.20
N7 SAH F . 24.47 1.74 10.42
C5 SAH F . 24.60 2.90 11.18
C6 SAH F . 24.98 3.23 12.53
N6 SAH F . 25.32 2.29 13.43
N1 SAH F . 24.99 4.57 12.96
C2 SAH F . 24.65 5.52 12.09
N3 SAH F . 24.31 5.36 10.82
C4 SAH F . 24.28 4.03 10.39
#